data_8E5X
#
_entry.id   8E5X
#
_cell.length_a   55.385
_cell.length_b   98.449
_cell.length_c   59.120
_cell.angle_alpha   90.00
_cell.angle_beta   108.28
_cell.angle_gamma   90.00
#
_symmetry.space_group_name_H-M   'P 1 21 1'
#
loop_
_entity.id
_entity.type
_entity.pdbx_description
1 polymer '3C-like proteinase'
2 non-polymer '(2~{S})-2-[[(2~{S})-4-methyl-2-[[2-methyl-2-[oxidanyl(phenyl)-$l^{3}-sulfanyl]propoxy]carbonylamino]pentanoyl]amino]-1-oxidanyl-3-[(3~{S})-2-oxidanylidenepyrrolidin-3-yl]propane-1-sulfonic acid'
3 non-polymer N~2~-(ethoxycarbonyl)-N-{(1S,2S)-1-hydroxy-3-[(3S)-2-oxopyrrolidin-3-yl]-1-sulfanylpropan-2-yl}-L-leucinamide
4 non-polymer 'TETRAETHYLENE GLYCOL'
5 water water
#
_entity_poly.entity_id   1
_entity_poly.type   'polypeptide(L)'
_entity_poly.pdbx_seq_one_letter_code
;SNIGSGFRKMAFPSGKVEGCMVQVTCGTTTLNGLWLDDVVYCPRHVICTSEDMLNPNYEDLLIRKSNHNFLVQAGNVQLR
VIGHSMQNCVLKLKVDTANPKTPKYKFVRIQPGQTFSVLACYNGSPSGVYQCAMRPNFTIKGSFLNGSCGSVGFNIDYDC
VSFCYMHHMELPTGVHAGTDLEGNFYGPFVDRQTAQAAGTDTTITVNVLAWLYAAVINGDRWFLNRFTTTLNDFNLVAMK
YNYEPLTQDHVDILGPLSAQTGIAVLDMCASLKELLQNGMNGRTILGSALLEDEFTPFDVVRQCSGVTF
;
_entity_poly.pdbx_strand_id   A,B
#
# COMPACT_ATOMS: atom_id res chain seq x y z
N PHE A 7 -1.38 8.62 9.52
CA PHE A 7 -0.21 8.64 8.64
C PHE A 7 0.00 7.32 7.92
N ARG A 8 0.09 7.39 6.59
CA ARG A 8 -0.08 6.22 5.75
C ARG A 8 1.24 5.79 5.11
N LYS A 9 1.53 4.50 5.21
CA LYS A 9 2.59 3.94 4.39
C LYS A 9 2.08 3.93 2.95
N MET A 10 2.80 4.62 2.07
CA MET A 10 2.32 4.93 0.73
C MET A 10 3.34 4.42 -0.26
N ALA A 11 2.86 3.65 -1.24
CA ALA A 11 3.70 3.15 -2.31
C ALA A 11 3.64 4.08 -3.53
N PHE A 12 4.67 4.01 -4.36
CA PHE A 12 4.63 4.72 -5.63
C PHE A 12 3.61 4.09 -6.56
N PRO A 13 2.94 4.88 -7.41
CA PRO A 13 2.08 4.31 -8.43
C PRO A 13 2.89 3.36 -9.28
N SER A 14 2.34 2.18 -9.50
CA SER A 14 3.09 1.05 -10.05
C SER A 14 2.90 0.85 -11.56
N GLY A 15 2.14 1.73 -12.22
CA GLY A 15 1.83 1.48 -13.62
C GLY A 15 3.06 1.35 -14.52
N LYS A 16 4.04 2.23 -14.32
CA LYS A 16 5.23 2.17 -15.17
C LYS A 16 5.97 0.85 -15.03
N VAL A 17 5.91 0.24 -13.83
CA VAL A 17 6.57 -1.05 -13.64
C VAL A 17 5.68 -2.19 -14.15
N GLU A 18 4.35 -2.06 -14.01
CA GLU A 18 3.46 -3.13 -14.47
C GLU A 18 3.66 -3.44 -15.95
N GLY A 19 3.87 -2.40 -16.75
CA GLY A 19 4.06 -2.58 -18.18
C GLY A 19 5.34 -3.25 -18.55
N CYS A 20 6.20 -3.50 -17.58
CA CYS A 20 7.44 -4.24 -17.80
C CYS A 20 7.40 -5.69 -17.35
N MET A 21 6.35 -6.15 -16.65
CA MET A 21 6.40 -7.48 -16.08
C MET A 21 5.96 -8.52 -17.08
N VAL A 22 6.73 -9.61 -17.12
CA VAL A 22 6.49 -10.75 -18.00
C VAL A 22 6.71 -12.02 -17.20
N GLN A 23 6.27 -13.14 -17.77
CA GLN A 23 6.47 -14.44 -17.17
C GLN A 23 7.61 -15.15 -17.90
N VAL A 24 8.45 -15.85 -17.12
CA VAL A 24 9.63 -16.60 -17.61
C VAL A 24 9.54 -18.03 -17.09
N THR A 25 9.63 -18.99 -18.00
CA THR A 25 9.53 -20.39 -17.64
C THR A 25 10.73 -21.14 -18.17
N CYS A 26 11.33 -21.98 -17.33
CA CYS A 26 12.38 -22.89 -17.75
C CYS A 26 12.12 -24.23 -17.08
N GLY A 27 11.92 -25.25 -17.90
CA GLY A 27 11.53 -26.55 -17.37
C GLY A 27 10.20 -26.44 -16.66
N THR A 28 10.18 -26.88 -15.40
CA THR A 28 8.98 -26.81 -14.56
C THR A 28 9.03 -25.62 -13.62
N THR A 29 9.90 -24.65 -13.87
CA THR A 29 10.03 -23.48 -12.99
C THR A 29 9.51 -22.24 -13.69
N THR A 30 8.59 -21.52 -13.05
CA THR A 30 8.08 -20.29 -13.61
C THR A 30 8.25 -19.20 -12.57
N LEU A 31 8.72 -18.04 -13.01
CA LEU A 31 8.75 -16.86 -12.17
C LEU A 31 8.59 -15.65 -13.08
N ASN A 32 8.83 -14.47 -12.53
CA ASN A 32 8.63 -13.23 -13.27
C ASN A 32 9.92 -12.70 -13.84
N GLY A 33 9.81 -11.94 -14.93
CA GLY A 33 10.92 -11.17 -15.46
C GLY A 33 10.53 -9.72 -15.65
N LEU A 34 11.57 -8.89 -15.77
CA LEU A 34 11.43 -7.47 -16.00
C LEU A 34 11.93 -7.16 -17.41
N TRP A 35 11.03 -6.68 -18.25
CA TRP A 35 11.28 -6.48 -19.70
C TRP A 35 11.51 -4.99 -19.95
N LEU A 36 12.77 -4.64 -20.19
CA LEU A 36 13.18 -3.28 -20.49
C LEU A 36 13.87 -3.27 -21.85
N ASP A 37 13.37 -2.41 -22.74
CA ASP A 37 13.85 -2.38 -24.14
C ASP A 37 13.83 -3.82 -24.64
N ASP A 38 14.94 -4.38 -25.15
CA ASP A 38 14.87 -5.74 -25.68
C ASP A 38 15.50 -6.78 -24.77
N VAL A 39 15.49 -6.58 -23.45
CA VAL A 39 16.14 -7.50 -22.53
C VAL A 39 15.17 -7.81 -21.40
N VAL A 40 15.09 -9.08 -21.03
CA VAL A 40 14.30 -9.53 -19.89
C VAL A 40 15.26 -9.97 -18.78
N TYR A 41 15.10 -9.38 -17.61
CA TYR A 41 15.89 -9.68 -16.42
C TYR A 41 15.09 -10.57 -15.49
N CYS A 42 15.70 -11.64 -14.98
CA CYS A 42 15.03 -12.49 -14.02
C CYS A 42 16.05 -13.21 -13.16
N PRO A 43 15.60 -13.80 -12.06
CA PRO A 43 16.53 -14.56 -11.22
C PRO A 43 17.06 -15.76 -11.99
N ARG A 44 18.36 -16.02 -11.82
CA ARG A 44 18.97 -17.12 -12.56
C ARG A 44 18.53 -18.47 -12.03
N HIS A 45 18.05 -18.56 -10.81
CA HIS A 45 17.66 -19.88 -10.34
C HIS A 45 16.47 -20.45 -11.11
N VAL A 46 15.87 -19.69 -12.04
CA VAL A 46 14.83 -20.27 -12.89
C VAL A 46 15.39 -21.47 -13.64
N ILE A 47 16.71 -21.49 -13.90
CA ILE A 47 17.27 -22.59 -14.71
C ILE A 47 17.54 -23.84 -13.91
N CYS A 48 17.31 -23.78 -12.61
CA CYS A 48 17.64 -24.93 -11.75
C CYS A 48 16.51 -25.96 -11.66
N THR A 49 16.85 -27.24 -11.72
CA THR A 49 15.90 -28.28 -11.43
C THR A 49 15.91 -28.58 -9.94
N SER A 50 15.08 -29.53 -9.53
CA SER A 50 15.09 -29.99 -8.15
C SER A 50 16.50 -30.38 -7.71
N GLU A 51 17.09 -31.35 -8.42
CA GLU A 51 18.42 -31.88 -8.07
C GLU A 51 19.54 -30.85 -8.23
N ASP A 52 19.23 -29.65 -8.72
CA ASP A 52 20.21 -28.58 -8.88
C ASP A 52 20.23 -27.59 -7.72
N MET A 53 19.10 -27.42 -7.03
CA MET A 53 18.91 -26.24 -6.19
C MET A 53 19.82 -26.21 -4.97
N LEU A 54 20.41 -27.34 -4.59
CA LEU A 54 21.12 -27.40 -3.31
C LEU A 54 22.55 -26.88 -3.42
N ASN A 55 23.21 -27.10 -4.56
CA ASN A 55 24.51 -26.52 -4.85
C ASN A 55 24.59 -26.36 -6.36
N PRO A 56 23.99 -25.30 -6.89
CA PRO A 56 23.93 -25.13 -8.35
C PRO A 56 25.20 -24.49 -8.88
N ASN A 57 25.86 -25.16 -9.83
CA ASN A 57 27.01 -24.57 -10.49
C ASN A 57 26.45 -23.79 -11.68
N TYR A 58 26.07 -22.54 -11.42
CA TYR A 58 25.24 -21.82 -12.38
C TYR A 58 25.90 -21.66 -13.74
N GLU A 59 27.21 -21.32 -13.79
CA GLU A 59 27.86 -21.18 -15.10
C GLU A 59 27.77 -22.49 -15.88
N ASP A 60 27.97 -23.60 -15.18
CA ASP A 60 27.85 -24.92 -15.79
C ASP A 60 26.44 -25.23 -16.25
N LEU A 61 25.43 -24.92 -15.43
CA LEU A 61 24.05 -25.16 -15.83
C LEU A 61 23.62 -24.25 -16.97
N LEU A 62 24.12 -23.01 -16.99
CA LEU A 62 23.69 -22.08 -18.04
C LEU A 62 24.30 -22.46 -19.39
N ILE A 63 25.56 -22.87 -19.41
CA ILE A 63 26.17 -23.17 -20.70
C ILE A 63 25.45 -24.32 -21.40
N ARG A 64 24.75 -25.17 -20.64
CA ARG A 64 24.01 -26.30 -21.17
C ARG A 64 22.60 -25.95 -21.62
N LYS A 65 22.21 -24.69 -21.54
CA LYS A 65 20.88 -24.24 -21.94
C LYS A 65 20.94 -23.58 -23.31
N SER A 66 19.83 -23.67 -24.04
CA SER A 66 19.64 -22.97 -25.30
C SER A 66 18.59 -21.89 -25.14
N ASN A 67 18.67 -20.89 -26.00
CA ASN A 67 17.64 -19.87 -26.09
C ASN A 67 16.23 -20.46 -26.05
N HIS A 68 16.01 -21.58 -26.75
CA HIS A 68 14.66 -22.13 -26.83
C HIS A 68 14.20 -22.81 -25.56
N ASN A 69 15.09 -23.02 -24.56
CA ASN A 69 14.66 -23.57 -23.28
C ASN A 69 13.90 -22.55 -22.46
N PHE A 70 13.95 -21.29 -22.84
CA PHE A 70 13.32 -20.22 -22.07
C PHE A 70 12.04 -19.81 -22.79
N LEU A 71 10.92 -19.92 -22.10
CA LEU A 71 9.64 -19.41 -22.60
C LEU A 71 9.34 -18.11 -21.88
N VAL A 72 9.24 -17.02 -22.64
CA VAL A 72 8.89 -15.72 -22.08
C VAL A 72 7.54 -15.33 -22.65
N GLN A 73 6.61 -14.92 -21.78
CA GLN A 73 5.29 -14.51 -22.22
C GLN A 73 4.93 -13.13 -21.65
N ALA A 74 4.53 -12.23 -22.52
CA ALA A 74 3.95 -10.94 -22.16
C ALA A 74 2.46 -11.06 -22.47
N GLY A 75 1.66 -11.31 -21.45
CA GLY A 75 0.24 -11.49 -21.70
C GLY A 75 0.02 -12.75 -22.50
N ASN A 76 -0.69 -12.62 -23.62
CA ASN A 76 -0.99 -13.73 -24.50
C ASN A 76 0.06 -13.91 -25.59
N VAL A 77 1.21 -13.27 -25.46
CA VAL A 77 2.20 -13.17 -26.53
C VAL A 77 3.51 -13.76 -26.05
N GLN A 78 4.11 -14.62 -26.86
CA GLN A 78 5.41 -15.19 -26.54
C GLN A 78 6.47 -14.33 -27.19
N LEU A 79 7.54 -14.07 -26.45
CA LEU A 79 8.66 -13.29 -26.94
C LEU A 79 9.80 -14.26 -27.23
N ARG A 80 10.37 -14.16 -28.41
CA ARG A 80 11.43 -15.08 -28.81
C ARG A 80 12.74 -14.63 -28.20
N VAL A 81 13.34 -15.52 -27.41
CA VAL A 81 14.65 -15.31 -26.83
C VAL A 81 15.69 -15.56 -27.91
N ILE A 82 16.48 -14.53 -28.22
CA ILE A 82 17.52 -14.65 -29.24
C ILE A 82 18.91 -14.66 -28.64
N GLY A 83 19.05 -14.52 -27.32
CA GLY A 83 20.33 -14.60 -26.68
C GLY A 83 20.15 -14.56 -25.18
N HIS A 84 21.18 -14.96 -24.47
CA HIS A 84 21.13 -14.87 -23.02
C HIS A 84 22.53 -14.72 -22.44
N SER A 85 22.60 -14.03 -21.31
CA SER A 85 23.83 -13.93 -20.53
C SER A 85 23.44 -13.84 -19.07
N MET A 86 24.43 -14.03 -18.21
CA MET A 86 24.25 -14.01 -16.76
C MET A 86 25.10 -12.90 -16.17
N GLN A 87 24.50 -12.09 -15.30
CA GLN A 87 25.26 -11.10 -14.56
C GLN A 87 25.01 -11.39 -13.08
N ASN A 88 26.03 -11.93 -12.41
CA ASN A 88 25.90 -12.36 -11.03
C ASN A 88 24.66 -13.26 -10.92
N CYS A 89 23.67 -12.91 -10.07
CA CYS A 89 22.55 -13.81 -9.84
C CYS A 89 21.35 -13.50 -10.72
N VAL A 90 21.48 -12.64 -11.72
CA VAL A 90 20.42 -12.32 -12.67
C VAL A 90 20.76 -12.86 -14.04
N LEU A 91 19.75 -13.41 -14.68
CA LEU A 91 19.80 -13.83 -16.07
C LEU A 91 19.23 -12.71 -16.92
N LYS A 92 19.90 -12.43 -18.03
CA LYS A 92 19.50 -11.41 -19.00
C LYS A 92 19.14 -12.13 -20.28
N LEU A 93 17.86 -12.09 -20.64
CA LEU A 93 17.34 -12.77 -21.83
C LEU A 93 17.10 -11.72 -22.91
N LYS A 94 17.86 -11.79 -24.01
CA LYS A 94 17.64 -10.88 -25.12
C LYS A 94 16.51 -11.44 -25.97
N VAL A 95 15.55 -10.58 -26.28
CA VAL A 95 14.37 -10.97 -27.03
C VAL A 95 14.34 -10.13 -28.31
N ASP A 96 13.53 -10.58 -29.26
CA ASP A 96 13.49 -9.95 -30.57
C ASP A 96 12.49 -8.82 -30.65
N THR A 97 11.97 -8.35 -29.52
CA THR A 97 11.00 -7.25 -29.53
C THR A 97 11.34 -6.27 -28.43
N ALA A 98 11.20 -4.98 -28.75
CA ALA A 98 11.37 -3.94 -27.75
C ALA A 98 10.04 -3.73 -27.06
N ASN A 99 10.11 -3.54 -25.74
CA ASN A 99 8.94 -3.17 -24.95
C ASN A 99 8.66 -1.70 -25.13
N PRO A 100 7.58 -1.32 -25.84
CA PRO A 100 7.29 0.10 -26.01
C PRO A 100 6.89 0.78 -24.73
N LYS A 101 6.50 0.01 -23.73
CA LYS A 101 6.13 0.56 -22.44
C LYS A 101 7.34 0.74 -21.50
N THR A 102 8.56 0.57 -22.01
CA THR A 102 9.76 0.78 -21.19
C THR A 102 9.79 2.21 -20.66
N PRO A 103 9.83 2.41 -19.34
CA PRO A 103 9.90 3.79 -18.82
C PRO A 103 11.34 4.29 -18.88
N LYS A 104 11.49 5.57 -18.63
CA LYS A 104 12.82 6.07 -18.26
C LYS A 104 13.23 5.37 -16.98
N TYR A 105 14.48 4.88 -16.91
CA TYR A 105 14.84 4.08 -15.75
C TYR A 105 16.32 4.11 -15.49
N LYS A 106 16.67 3.69 -14.27
CA LYS A 106 18.04 3.43 -13.88
C LYS A 106 18.05 2.28 -12.87
N PHE A 107 19.20 1.65 -12.76
CA PHE A 107 19.43 0.61 -11.78
C PHE A 107 20.23 1.23 -10.66
N VAL A 108 19.74 1.09 -9.44
CA VAL A 108 20.41 1.64 -8.28
C VAL A 108 20.57 0.56 -7.22
N ARG A 109 21.61 0.68 -6.42
CA ARG A 109 21.79 -0.17 -5.26
C ARG A 109 21.50 0.67 -4.03
N ILE A 110 20.45 0.32 -3.27
CA ILE A 110 20.02 1.14 -2.14
C ILE A 110 20.80 0.76 -0.90
N GLN A 111 20.86 1.72 0.07
CA GLN A 111 21.48 1.62 1.37
C GLN A 111 20.48 1.10 2.38
N PRO A 112 20.96 0.40 3.40
CA PRO A 112 20.06 -0.01 4.49
C PRO A 112 19.39 1.21 5.11
N GLY A 113 18.11 1.04 5.44
CA GLY A 113 17.31 2.14 5.94
C GLY A 113 16.47 2.83 4.88
N GLN A 114 16.88 2.77 3.61
CA GLN A 114 16.12 3.37 2.53
C GLN A 114 14.88 2.52 2.22
N THR A 115 13.84 3.17 1.75
CA THR A 115 12.57 2.52 1.43
C THR A 115 12.36 2.43 -0.07
N PHE A 116 11.45 1.54 -0.46
CA PHE A 116 11.14 1.32 -1.87
C PHE A 116 9.79 0.66 -1.92
N SER A 117 9.15 0.77 -3.08
CA SER A 117 7.90 0.07 -3.35
C SER A 117 8.19 -1.27 -3.99
N VAL A 118 7.40 -2.26 -3.60
CA VAL A 118 7.43 -3.58 -4.21
C VAL A 118 6.17 -3.80 -5.02
N LEU A 119 6.33 -4.29 -6.25
CA LEU A 119 5.21 -4.77 -7.08
C LEU A 119 5.30 -6.29 -7.05
N ALA A 120 4.47 -6.90 -6.24
CA ALA A 120 4.47 -8.33 -6.16
C ALA A 120 3.71 -8.88 -7.35
N CYS A 121 4.31 -9.87 -8.02
CA CYS A 121 3.78 -10.45 -9.25
C CYS A 121 3.83 -11.97 -9.15
N TYR A 122 2.90 -12.60 -9.86
CA TYR A 122 2.82 -14.05 -9.96
C TYR A 122 2.49 -14.38 -11.40
N ASN A 123 3.26 -15.28 -12.01
CA ASN A 123 3.04 -15.66 -13.40
C ASN A 123 3.04 -14.47 -14.34
N GLY A 124 3.90 -13.50 -14.05
CA GLY A 124 4.00 -12.33 -14.87
C GLY A 124 2.91 -11.31 -14.65
N SER A 125 1.95 -11.58 -13.77
CA SER A 125 0.84 -10.68 -13.53
C SER A 125 0.98 -9.94 -12.21
N PRO A 126 0.93 -8.61 -12.22
CA PRO A 126 1.02 -7.84 -10.98
C PRO A 126 -0.17 -8.12 -10.07
N SER A 127 0.13 -8.29 -8.78
CA SER A 127 -0.85 -8.67 -7.79
C SER A 127 -1.02 -7.67 -6.65
N GLY A 128 0.04 -7.00 -6.23
CA GLY A 128 -0.11 -6.04 -5.14
C GLY A 128 1.10 -5.14 -5.06
N VAL A 129 0.91 -4.01 -4.40
CA VAL A 129 1.99 -3.03 -4.27
CA VAL A 129 1.96 -3.01 -4.28
C VAL A 129 2.05 -2.54 -2.84
N TYR A 130 3.27 -2.48 -2.31
CA TYR A 130 3.44 -2.06 -0.94
C TYR A 130 4.84 -1.53 -0.73
N GLN A 131 5.01 -0.78 0.34
CA GLN A 131 6.27 -0.18 0.73
C GLN A 131 7.04 -1.08 1.69
N CYS A 132 8.37 -1.12 1.50
CA CYS A 132 9.34 -1.96 2.20
C CYS A 132 10.54 -1.09 2.51
N ALA A 133 11.37 -1.54 3.43
CA ALA A 133 12.65 -0.90 3.68
C ALA A 133 13.74 -1.96 3.67
N MET A 134 14.90 -1.56 3.18
CA MET A 134 16.08 -2.41 3.27
C MET A 134 16.50 -2.45 4.74
N ARG A 135 16.39 -3.61 5.37
CA ARG A 135 16.73 -3.70 6.78
C ARG A 135 18.23 -3.51 6.96
N PRO A 136 18.65 -3.14 8.17
CA PRO A 136 20.09 -3.05 8.43
C PRO A 136 20.83 -4.36 8.19
N ASN A 137 20.20 -5.51 8.41
CA ASN A 137 20.80 -6.79 8.12
C ASN A 137 20.54 -7.24 6.72
N PHE A 138 20.05 -6.33 5.86
CA PHE A 138 19.93 -6.53 4.42
C PHE A 138 18.85 -7.54 4.03
N THR A 139 17.95 -7.87 4.94
CA THR A 139 16.71 -8.54 4.58
C THR A 139 15.65 -7.49 4.27
N ILE A 140 14.51 -7.95 3.75
CA ILE A 140 13.34 -7.11 3.68
C ILE A 140 12.16 -7.87 4.24
N LYS A 141 11.32 -7.17 4.98
CA LYS A 141 10.11 -7.77 5.50
C LYS A 141 9.03 -7.62 4.44
N GLY A 142 9.02 -8.54 3.49
CA GLY A 142 8.08 -8.51 2.39
C GLY A 142 6.88 -9.42 2.61
N SER A 143 6.06 -9.44 1.58
CA SER A 143 4.91 -10.34 1.45
C SER A 143 5.10 -10.98 0.09
N PHE A 144 5.66 -12.18 0.10
CA PHE A 144 6.01 -12.89 -1.12
C PHE A 144 5.66 -14.35 -0.93
N LEU A 145 5.01 -14.92 -1.91
CA LEU A 145 4.65 -16.34 -1.91
C LEU A 145 5.39 -17.09 -3.03
N ASN A 146 5.12 -18.38 -3.13
CA ASN A 146 5.63 -19.13 -4.27
C ASN A 146 5.28 -18.42 -5.58
N GLY A 147 6.26 -18.38 -6.48
CA GLY A 147 6.10 -17.76 -7.78
C GLY A 147 6.37 -16.27 -7.81
N SER A 148 6.72 -15.67 -6.68
CA SER A 148 6.94 -14.22 -6.63
C SER A 148 8.31 -13.80 -7.11
N CYS A 149 9.22 -14.74 -7.32
CA CYS A 149 10.58 -14.35 -7.69
C CYS A 149 10.58 -13.58 -9.00
N GLY A 150 11.47 -12.59 -9.08
CA GLY A 150 11.50 -11.67 -10.18
C GLY A 150 10.65 -10.44 -9.98
N SER A 151 9.76 -10.46 -8.99
CA SER A 151 9.14 -9.22 -8.55
C SER A 151 10.22 -8.21 -8.19
N VAL A 152 9.96 -6.93 -8.43
CA VAL A 152 10.98 -5.90 -8.27
C VAL A 152 10.51 -4.87 -7.29
N GLY A 153 11.52 -4.21 -6.70
CA GLY A 153 11.32 -3.03 -5.88
C GLY A 153 11.91 -1.81 -6.57
N PHE A 154 11.28 -0.65 -6.31
CA PHE A 154 11.62 0.54 -7.08
C PHE A 154 11.21 1.80 -6.34
N ASN A 155 11.80 2.93 -6.77
CA ASN A 155 11.35 4.26 -6.40
C ASN A 155 11.10 5.04 -7.69
N ILE A 156 10.27 6.08 -7.63
CA ILE A 156 9.99 6.91 -8.80
C ILE A 156 10.36 8.35 -8.50
N ASP A 157 11.12 8.95 -9.40
CA ASP A 157 11.54 10.35 -9.32
C ASP A 157 11.17 11.01 -10.63
N TYR A 158 10.23 11.96 -10.57
CA TYR A 158 9.64 12.56 -11.75
C TYR A 158 9.10 11.45 -12.65
N ASP A 159 9.70 11.26 -13.82
CA ASP A 159 9.26 10.22 -14.74
C ASP A 159 10.17 8.99 -14.73
N CYS A 160 11.17 8.96 -13.84
CA CYS A 160 12.26 7.98 -13.89
C CYS A 160 12.06 6.93 -12.80
N VAL A 161 12.03 5.67 -13.21
CA VAL A 161 11.95 4.54 -12.31
C VAL A 161 13.36 4.06 -11.98
N SER A 162 13.69 4.08 -10.70
CA SER A 162 14.94 3.54 -10.20
C SER A 162 14.64 2.17 -9.61
N PHE A 163 15.06 1.13 -10.31
CA PHE A 163 14.91 -0.24 -9.81
C PHE A 163 16.03 -0.52 -8.84
N CYS A 164 15.68 -1.06 -7.66
CA CYS A 164 16.69 -1.36 -6.64
C CYS A 164 16.65 -2.80 -6.13
N TYR A 165 15.66 -3.59 -6.47
CA TYR A 165 15.50 -4.89 -5.82
C TYR A 165 14.83 -5.85 -6.78
N MET A 166 15.33 -7.09 -6.80
CA MET A 166 14.68 -8.19 -7.47
C MET A 166 14.59 -9.34 -6.49
N HIS A 167 13.43 -9.94 -6.40
CA HIS A 167 13.17 -10.91 -5.35
C HIS A 167 13.67 -12.30 -5.72
N HIS A 168 14.39 -12.95 -4.78
CA HIS A 168 14.89 -14.32 -4.95
C HIS A 168 14.48 -15.34 -3.88
N MET A 169 14.28 -14.97 -2.61
CA MET A 169 14.13 -16.03 -1.62
C MET A 169 13.51 -15.56 -0.32
N GLU A 170 13.03 -16.55 0.44
CA GLU A 170 12.48 -16.35 1.79
C GLU A 170 13.37 -17.08 2.76
N LEU A 171 13.58 -16.50 3.89
CA LEU A 171 14.33 -17.11 4.96
C LEU A 171 13.37 -17.81 5.90
N PRO A 172 13.89 -18.75 6.70
CA PRO A 172 13.00 -19.49 7.61
C PRO A 172 12.23 -18.62 8.57
N THR A 173 12.74 -17.44 8.92
CA THR A 173 12.06 -16.52 9.82
C THR A 173 10.94 -15.76 9.14
N GLY A 174 10.75 -15.96 7.85
CA GLY A 174 9.69 -15.28 7.14
C GLY A 174 10.06 -13.95 6.51
N VAL A 175 11.29 -13.47 6.68
CA VAL A 175 11.75 -12.29 5.96
C VAL A 175 12.32 -12.73 4.61
N HIS A 176 12.76 -11.77 3.79
CA HIS A 176 13.04 -12.01 2.39
C HIS A 176 14.39 -11.47 1.98
N ALA A 177 14.93 -12.05 0.91
CA ALA A 177 16.24 -11.66 0.41
C ALA A 177 16.27 -11.67 -1.11
N GLY A 178 17.08 -10.76 -1.64
CA GLY A 178 17.15 -10.58 -3.08
C GLY A 178 18.36 -9.75 -3.44
N THR A 179 18.36 -9.33 -4.70
CA THR A 179 19.50 -8.70 -5.33
C THR A 179 19.13 -7.32 -5.86
N ASP A 180 20.17 -6.57 -6.20
CA ASP A 180 19.95 -5.40 -7.03
C ASP A 180 19.82 -5.88 -8.47
N LEU A 181 19.68 -4.95 -9.40
CA LEU A 181 19.43 -5.36 -10.77
C LEU A 181 20.72 -5.67 -11.52
N GLU A 182 21.87 -5.57 -10.82
CA GLU A 182 23.11 -6.17 -11.28
C GLU A 182 23.28 -7.58 -10.79
N GLY A 183 22.31 -8.11 -10.04
CA GLY A 183 22.37 -9.48 -9.59
C GLY A 183 23.19 -9.71 -8.35
N ASN A 184 23.64 -8.68 -7.66
CA ASN A 184 24.33 -8.83 -6.39
C ASN A 184 23.37 -8.82 -5.20
N PHE A 185 23.46 -9.86 -4.37
CA PHE A 185 22.59 -9.90 -3.20
C PHE A 185 22.83 -8.71 -2.30
N TYR A 186 21.74 -8.24 -1.70
CA TYR A 186 21.81 -7.53 -0.44
C TYR A 186 22.02 -8.56 0.66
N GLY A 187 23.08 -8.39 1.42
CA GLY A 187 23.35 -9.28 2.53
C GLY A 187 24.14 -10.51 2.16
N PRO A 188 24.37 -11.32 3.17
CA PRO A 188 25.26 -12.48 3.02
C PRO A 188 24.58 -13.71 2.49
N PHE A 189 23.58 -13.55 1.63
CA PHE A 189 22.75 -14.66 1.22
C PHE A 189 23.21 -15.20 -0.12
N VAL A 190 22.72 -16.39 -0.43
CA VAL A 190 23.15 -17.13 -1.61
C VAL A 190 21.93 -17.78 -2.24
N ASP A 191 21.84 -17.73 -3.57
CA ASP A 191 20.70 -18.32 -4.28
C ASP A 191 20.89 -19.84 -4.43
N ARG A 192 20.88 -20.51 -3.28
CA ARG A 192 20.79 -21.97 -3.22
C ARG A 192 19.67 -22.35 -2.24
N GLN A 193 19.10 -23.54 -2.44
CA GLN A 193 17.92 -23.96 -1.68
C GLN A 193 18.36 -24.52 -0.33
N THR A 194 18.75 -23.61 0.56
CA THR A 194 19.21 -23.92 1.91
C THR A 194 18.62 -22.93 2.90
N ALA A 195 18.40 -23.38 4.12
CA ALA A 195 17.92 -22.50 5.17
C ALA A 195 19.03 -21.58 5.60
N GLN A 196 18.83 -20.27 5.43
CA GLN A 196 19.83 -19.27 5.75
C GLN A 196 19.29 -18.29 6.79
N ALA A 197 20.12 -18.00 7.77
CA ALA A 197 19.84 -17.01 8.79
C ALA A 197 20.52 -15.70 8.43
N ALA A 198 19.92 -14.60 8.87
CA ALA A 198 20.49 -13.29 8.68
C ALA A 198 21.24 -12.85 9.92
N GLY A 199 22.01 -11.79 9.79
CA GLY A 199 22.64 -11.22 10.94
C GLY A 199 21.59 -10.58 11.81
N THR A 200 21.98 -10.22 13.03
CA THR A 200 21.06 -9.58 13.95
C THR A 200 20.53 -8.28 13.39
N ASP A 201 19.21 -8.16 13.34
CA ASP A 201 18.66 -6.93 12.82
C ASP A 201 18.67 -5.87 13.92
N THR A 202 18.62 -4.63 13.47
CA THR A 202 18.57 -3.46 14.32
C THR A 202 17.46 -2.55 13.81
N THR A 203 17.13 -1.54 14.60
CA THR A 203 16.08 -0.61 14.23
C THR A 203 16.69 0.64 13.57
N ILE A 204 16.01 1.14 12.53
CA ILE A 204 16.54 2.25 11.72
C ILE A 204 16.19 3.56 12.46
N THR A 205 17.16 4.09 13.21
CA THR A 205 16.88 5.16 14.17
C THR A 205 16.44 6.45 13.47
N VAL A 206 17.13 6.85 12.42
CA VAL A 206 16.75 8.07 11.69
C VAL A 206 15.30 7.99 11.21
N ASN A 207 14.85 6.79 10.84
CA ASN A 207 13.48 6.63 10.39
C ASN A 207 12.48 6.70 11.55
N VAL A 208 12.82 6.11 12.71
CA VAL A 208 11.96 6.27 13.88
C VAL A 208 11.80 7.75 14.18
N LEU A 209 12.89 8.50 14.14
CA LEU A 209 12.79 9.92 14.41
C LEU A 209 11.91 10.62 13.38
N ALA A 210 12.08 10.28 12.10
CA ALA A 210 11.22 10.88 11.09
C ALA A 210 9.75 10.64 11.41
N TRP A 211 9.42 9.43 11.86
CA TRP A 211 8.04 9.06 12.11
C TRP A 211 7.50 9.73 13.36
N LEU A 212 8.37 10.01 14.34
CA LEU A 212 7.90 10.77 15.50
C LEU A 212 7.56 12.19 15.10
N TYR A 213 8.38 12.79 14.23
CA TYR A 213 8.05 14.09 13.68
C TYR A 213 6.74 14.05 12.91
N ALA A 214 6.53 12.98 12.14
CA ALA A 214 5.24 12.81 11.47
C ALA A 214 4.10 12.79 12.49
N ALA A 215 4.28 12.11 13.62
CA ALA A 215 3.21 12.04 14.61
C ALA A 215 2.92 13.41 15.19
N VAL A 216 3.96 14.21 15.42
CA VAL A 216 3.73 15.58 15.89
C VAL A 216 2.96 16.36 14.84
N ILE A 217 3.48 16.41 13.60
CA ILE A 217 2.83 17.11 12.49
C ILE A 217 1.34 16.79 12.42
N ASN A 218 0.94 15.58 12.81
CA ASN A 218 -0.47 15.21 12.88
C ASN A 218 -1.02 15.35 14.30
N GLY A 219 -0.43 16.23 15.10
CA GLY A 219 -1.00 16.59 16.38
C GLY A 219 -0.90 15.57 17.49
N ASP A 220 -0.06 14.57 17.35
CA ASP A 220 0.11 13.53 18.37
C ASP A 220 1.46 13.79 19.05
N ARG A 221 1.45 14.32 20.29
CA ARG A 221 2.73 14.73 20.87
C ARG A 221 2.84 14.39 22.35
N TRP A 222 2.17 13.32 22.79
CA TRP A 222 2.20 12.89 24.18
C TRP A 222 3.56 12.37 24.62
N PHE A 223 4.32 11.77 23.72
CA PHE A 223 5.64 11.19 23.98
C PHE A 223 6.75 12.24 24.09
N LEU A 224 6.48 13.50 23.74
CA LEU A 224 7.49 14.54 23.85
C LEU A 224 7.82 14.81 25.33
N ASN A 225 9.05 15.25 25.57
CA ASN A 225 9.44 15.70 26.89
C ASN A 225 10.28 16.95 26.76
N ARG A 226 10.54 17.61 27.90
CA ARG A 226 11.20 18.89 27.89
C ARG A 226 12.71 18.78 27.72
N PHE A 227 13.24 17.58 27.74
CA PHE A 227 14.68 17.38 27.88
C PHE A 227 15.39 17.36 26.53
N THR A 228 16.72 17.38 26.61
CA THR A 228 17.57 17.27 25.44
C THR A 228 18.72 16.33 25.76
N THR A 229 19.46 15.95 24.72
CA THR A 229 20.57 15.03 24.88
C THR A 229 21.67 15.41 23.91
N THR A 230 22.86 14.88 24.14
CA THR A 230 23.92 15.02 23.16
C THR A 230 23.82 13.88 22.17
N LEU A 231 24.45 14.09 21.03
CA LEU A 231 24.45 13.07 20.00
C LEU A 231 25.08 11.78 20.52
N ASN A 232 26.24 11.90 21.19
CA ASN A 232 26.94 10.69 21.59
C ASN A 232 26.22 9.95 22.69
N ASP A 233 25.66 10.67 23.65
CA ASP A 233 24.89 10.00 24.70
C ASP A 233 23.67 9.31 24.13
N PHE A 234 22.99 9.95 23.18
CA PHE A 234 21.88 9.25 22.55
C PHE A 234 22.35 7.98 21.86
N ASN A 235 23.48 8.07 21.15
CA ASN A 235 23.97 6.90 20.41
C ASN A 235 24.38 5.77 21.35
N LEU A 236 24.87 6.10 22.55
CA LEU A 236 25.16 5.03 23.51
C LEU A 236 23.88 4.29 23.87
N VAL A 237 22.79 5.02 24.09
CA VAL A 237 21.52 4.40 24.46
C VAL A 237 20.96 3.63 23.27
N ALA A 238 21.00 4.24 22.09
CA ALA A 238 20.54 3.56 20.88
C ALA A 238 21.23 2.21 20.69
N MET A 239 22.56 2.20 20.78
CA MET A 239 23.28 0.96 20.53
C MET A 239 22.88 -0.08 21.57
N LYS A 240 22.65 0.35 22.81
CA LYS A 240 22.22 -0.58 23.85
C LYS A 240 20.93 -1.26 23.47
N TYR A 241 20.02 -0.53 22.83
CA TYR A 241 18.69 -1.04 22.48
C TYR A 241 18.63 -1.60 21.07
N ASN A 242 19.80 -1.88 20.50
CA ASN A 242 19.90 -2.43 19.15
C ASN A 242 19.24 -1.52 18.13
N TYR A 243 19.44 -0.22 18.31
CA TYR A 243 19.15 0.80 17.32
C TYR A 243 20.42 1.19 16.59
N GLU A 244 20.28 1.53 15.31
CA GLU A 244 21.42 1.96 14.54
C GLU A 244 21.96 3.30 15.04
N PRO A 245 23.23 3.57 14.84
CA PRO A 245 23.76 4.90 15.16
C PRO A 245 23.08 5.99 14.36
N LEU A 246 22.93 7.15 15.00
CA LEU A 246 22.50 8.38 14.33
C LEU A 246 23.74 9.20 14.02
N THR A 247 23.93 9.53 12.73
CA THR A 247 25.07 10.32 12.30
C THR A 247 24.67 11.78 12.16
N GLN A 248 25.68 12.64 12.03
CA GLN A 248 25.40 14.05 11.79
C GLN A 248 24.69 14.25 10.45
N ASP A 249 25.02 13.45 9.44
CA ASP A 249 24.25 13.53 8.20
C ASP A 249 22.77 13.25 8.48
N HIS A 250 22.47 12.25 9.30
CA HIS A 250 21.08 12.02 9.67
C HIS A 250 20.47 13.23 10.33
N VAL A 251 21.20 13.89 11.24
CA VAL A 251 20.64 15.07 11.91
C VAL A 251 20.31 16.13 10.89
N ASP A 252 21.19 16.31 9.91
CA ASP A 252 21.00 17.33 8.88
C ASP A 252 19.82 16.95 7.99
N ILE A 253 19.75 15.68 7.60
CA ILE A 253 18.65 15.18 6.79
C ILE A 253 17.34 15.43 7.48
N LEU A 254 17.33 15.41 8.81
CA LEU A 254 16.13 15.65 9.58
C LEU A 254 15.81 17.13 9.76
N GLY A 255 16.66 18.01 9.23
CA GLY A 255 16.50 19.45 9.39
C GLY A 255 15.10 19.95 9.04
N PRO A 256 14.61 19.63 7.85
CA PRO A 256 13.31 20.16 7.43
C PRO A 256 12.19 19.78 8.38
N LEU A 257 12.14 18.53 8.82
CA LEU A 257 11.15 18.13 9.80
C LEU A 257 11.38 18.85 11.12
N SER A 258 12.64 19.15 11.43
CA SER A 258 12.94 19.88 12.65
C SER A 258 12.36 21.29 12.57
N ALA A 259 12.66 21.99 11.48
CA ALA A 259 12.14 23.35 11.28
C ALA A 259 10.63 23.36 11.32
N GLN A 260 9.99 22.44 10.60
CA GLN A 260 8.55 22.42 10.49
C GLN A 260 7.87 22.42 11.86
N THR A 261 8.41 21.63 12.79
CA THR A 261 7.82 21.46 14.11
C THR A 261 8.48 22.29 15.18
N GLY A 262 9.61 22.94 14.87
CA GLY A 262 10.34 23.67 15.89
C GLY A 262 10.93 22.80 16.99
N ILE A 263 11.14 21.51 16.71
CA ILE A 263 11.71 20.58 17.68
C ILE A 263 13.10 20.18 17.19
N ALA A 264 14.12 20.54 17.93
CA ALA A 264 15.45 20.17 17.52
C ALA A 264 15.58 18.65 17.46
N VAL A 265 16.46 18.20 16.58
CA VAL A 265 16.66 16.76 16.44
C VAL A 265 17.07 16.15 17.77
N LEU A 266 18.03 16.77 18.46
CA LEU A 266 18.48 16.17 19.71
C LEU A 266 17.43 16.27 20.79
N ASP A 267 16.48 17.20 20.67
CA ASP A 267 15.31 17.17 21.53
CA ASP A 267 15.30 17.18 21.53
C ASP A 267 14.46 15.93 21.25
N MET A 268 14.22 15.64 19.98
CA MET A 268 13.42 14.44 19.67
C MET A 268 14.18 13.18 20.07
N CYS A 269 15.52 13.19 19.96
CA CYS A 269 16.31 12.06 20.43
C CYS A 269 16.06 11.79 21.91
N ALA A 270 15.96 12.86 22.71
CA ALA A 270 15.70 12.69 24.13
C ALA A 270 14.31 12.11 24.37
N SER A 271 13.34 12.50 23.55
CA SER A 271 12.01 11.91 23.64
C SER A 271 12.04 10.45 23.25
N LEU A 272 12.77 10.11 22.18
CA LEU A 272 12.90 8.71 21.82
C LEU A 272 13.63 7.93 22.91
N LYS A 273 14.67 8.52 23.50
CA LYS A 273 15.35 7.83 24.59
C LYS A 273 14.35 7.47 25.68
N GLU A 274 13.42 8.38 25.99
CA GLU A 274 12.45 8.10 27.04
C GLU A 274 11.53 6.96 26.64
N LEU A 275 11.10 6.95 25.37
CA LEU A 275 10.27 5.84 24.90
C LEU A 275 11.00 4.52 25.03
N LEU A 276 12.29 4.51 24.67
CA LEU A 276 13.03 3.26 24.72
C LEU A 276 13.11 2.74 26.14
N GLN A 277 13.31 3.63 27.10
CA GLN A 277 13.51 3.22 28.48
C GLN A 277 12.20 2.94 29.20
N ASN A 278 11.14 3.68 28.85
CA ASN A 278 9.87 3.60 29.57
C ASN A 278 8.77 2.89 28.80
N GLY A 279 8.94 2.66 27.51
CA GLY A 279 7.88 2.11 26.72
C GLY A 279 6.78 3.11 26.46
N MET A 280 5.74 2.60 25.82
CA MET A 280 4.61 3.43 25.43
C MET A 280 3.49 3.42 26.45
N ASN A 281 3.55 2.53 27.45
CA ASN A 281 2.61 2.52 28.56
C ASN A 281 1.19 2.24 28.08
N GLY A 282 1.06 1.49 26.97
CA GLY A 282 -0.22 1.18 26.40
C GLY A 282 -0.72 2.17 25.38
N ARG A 283 -0.23 3.40 25.41
CA ARG A 283 -0.59 4.36 24.40
C ARG A 283 -0.08 3.90 23.03
N THR A 284 -0.49 4.61 22.00
CA THR A 284 -0.08 4.34 20.63
C THR A 284 0.35 5.65 19.99
N ILE A 285 1.17 5.52 18.95
CA ILE A 285 1.59 6.66 18.14
C ILE A 285 1.16 6.39 16.71
N LEU A 286 0.43 7.34 16.13
CA LEU A 286 -0.08 7.22 14.76
C LEU A 286 -0.74 5.86 14.51
N GLY A 287 -1.39 5.34 15.55
CA GLY A 287 -2.09 4.07 15.48
C GLY A 287 -1.29 2.87 15.93
N SER A 288 0.04 2.98 16.00
CA SER A 288 0.90 1.83 16.24
C SER A 288 1.26 1.66 17.71
N ALA A 289 1.19 0.42 18.19
CA ALA A 289 1.73 0.05 19.48
C ALA A 289 3.26 -0.06 19.50
N LEU A 290 3.90 0.04 18.33
CA LEU A 290 5.32 -0.16 18.20
C LEU A 290 5.93 1.04 17.51
N LEU A 291 7.21 1.25 17.76
CA LEU A 291 7.91 2.32 17.06
C LEU A 291 8.18 1.89 15.63
N GLU A 292 7.75 2.70 14.69
CA GLU A 292 7.79 2.36 13.28
C GLU A 292 9.07 2.88 12.68
N ASP A 293 9.81 2.03 11.93
CA ASP A 293 11.09 2.46 11.38
C ASP A 293 11.21 2.30 9.87
N GLU A 294 10.10 2.21 9.13
CA GLU A 294 10.19 2.10 7.67
C GLU A 294 9.56 3.29 6.94
N PHE A 295 9.63 4.49 7.53
CA PHE A 295 9.47 5.76 6.85
C PHE A 295 10.78 6.55 6.91
N THR A 296 11.30 6.91 5.78
CA THR A 296 12.45 7.79 5.76
C THR A 296 12.04 9.24 6.00
N PRO A 297 13.00 10.11 6.32
CA PRO A 297 12.67 11.55 6.37
C PRO A 297 12.01 12.04 5.10
N PHE A 298 12.58 11.66 3.95
CA PHE A 298 12.01 12.02 2.65
C PHE A 298 10.57 11.54 2.52
N ASP A 299 10.32 10.28 2.89
CA ASP A 299 8.97 9.74 2.89
C ASP A 299 8.02 10.66 3.64
N VAL A 300 8.36 11.01 4.88
CA VAL A 300 7.48 11.84 5.69
C VAL A 300 7.26 13.19 5.04
N VAL A 301 8.34 13.83 4.59
CA VAL A 301 8.22 15.17 4.01
C VAL A 301 7.38 15.11 2.73
N ARG A 302 7.68 14.17 1.84
CA ARG A 302 6.96 14.11 0.57
C ARG A 302 5.47 13.91 0.80
N GLN A 303 5.10 13.19 1.86
CA GLN A 303 3.70 12.93 2.12
C GLN A 303 3.02 14.05 2.88
N CYS A 304 3.77 14.79 3.69
CA CYS A 304 3.25 16.01 4.32
C CYS A 304 3.48 17.24 3.44
N SER A 305 3.58 17.04 2.13
CA SER A 305 3.84 18.10 1.15
C SER A 305 3.48 17.63 -0.26
N SER B 5 4.07 -9.61 12.30
CA SER B 5 2.82 -10.42 12.16
C SER B 5 2.80 -11.24 10.87
N GLY B 6 3.52 -10.76 9.86
CA GLY B 6 3.50 -11.38 8.55
C GLY B 6 2.45 -10.82 7.62
N PHE B 7 1.58 -9.93 8.10
CA PHE B 7 0.57 -9.27 7.29
C PHE B 7 0.90 -7.80 7.15
N ARG B 8 0.49 -7.23 6.02
CA ARG B 8 0.68 -5.81 5.78
C ARG B 8 -0.42 -5.31 4.85
N LYS B 9 -0.73 -4.03 4.97
CA LYS B 9 -1.59 -3.39 3.99
C LYS B 9 -0.92 -3.46 2.62
N MET B 10 -1.65 -4.00 1.66
CA MET B 10 -1.21 -4.17 0.29
C MET B 10 -2.26 -3.57 -0.63
N ALA B 11 -1.86 -2.64 -1.50
CA ALA B 11 -2.81 -2.08 -2.45
C ALA B 11 -2.84 -2.93 -3.71
N PHE B 12 -3.86 -2.75 -4.51
CA PHE B 12 -3.81 -3.31 -5.87
C PHE B 12 -2.87 -2.50 -6.76
N PRO B 13 -2.28 -3.13 -7.77
CA PRO B 13 -1.47 -2.34 -8.73
C PRO B 13 -2.36 -1.27 -9.35
N SER B 14 -1.81 -0.08 -9.46
CA SER B 14 -2.59 1.09 -9.77
C SER B 14 -2.62 1.47 -11.25
N GLY B 15 -1.90 0.74 -12.11
CA GLY B 15 -1.70 1.23 -13.47
C GLY B 15 -2.99 1.43 -14.24
N LYS B 16 -3.93 0.50 -14.10
CA LYS B 16 -5.19 0.61 -14.84
C LYS B 16 -5.96 1.86 -14.41
N VAL B 17 -5.79 2.30 -13.16
CA VAL B 17 -6.45 3.52 -12.72
C VAL B 17 -5.63 4.75 -13.12
N GLU B 18 -4.30 4.65 -13.07
CA GLU B 18 -3.45 5.76 -13.46
C GLU B 18 -3.81 6.19 -14.88
N GLY B 19 -4.16 5.21 -15.72
CA GLY B 19 -4.52 5.47 -17.11
C GLY B 19 -5.86 6.16 -17.30
N CYS B 20 -6.58 6.41 -16.21
CA CYS B 20 -7.88 7.06 -16.25
C CYS B 20 -7.88 8.42 -15.57
N MET B 21 -6.77 8.83 -14.97
CA MET B 21 -6.79 10.08 -14.23
C MET B 21 -6.56 11.26 -15.17
N VAL B 22 -7.39 12.28 -14.99
CA VAL B 22 -7.23 13.56 -15.67
C VAL B 22 -7.41 14.66 -14.65
N GLN B 23 -7.18 15.91 -15.09
CA GLN B 23 -7.49 17.07 -14.27
C GLN B 23 -8.67 17.83 -14.83
N VAL B 24 -9.45 18.43 -13.93
CA VAL B 24 -10.62 19.22 -14.30
C VAL B 24 -10.48 20.56 -13.61
N THR B 25 -10.56 21.63 -14.38
CA THR B 25 -10.48 22.97 -13.82
C THR B 25 -11.70 23.78 -14.22
N CYS B 26 -12.20 24.53 -13.23
CA CYS B 26 -13.29 25.52 -13.46
CA CYS B 26 -13.22 25.52 -13.44
C CYS B 26 -12.78 26.81 -12.75
N GLY B 27 -12.49 27.83 -13.55
CA GLY B 27 -11.85 29.03 -12.99
C GLY B 27 -10.40 28.79 -12.58
N THR B 28 -10.10 28.89 -11.29
CA THR B 28 -8.79 28.53 -10.75
C THR B 28 -8.85 27.28 -9.89
N THR B 29 -10.02 26.63 -9.79
CA THR B 29 -10.20 25.42 -8.99
C THR B 29 -9.86 24.22 -9.85
N THR B 30 -8.80 23.50 -9.51
CA THR B 30 -8.40 22.29 -10.23
C THR B 30 -8.54 21.11 -9.27
N LEU B 31 -9.27 20.09 -9.68
CA LEU B 31 -9.18 18.81 -8.99
C LEU B 31 -9.03 17.72 -10.03
N ASN B 32 -9.13 16.48 -9.58
CA ASN B 32 -8.92 15.33 -10.43
C ASN B 32 -10.25 14.80 -10.92
N GLY B 33 -10.22 14.20 -12.11
CA GLY B 33 -11.35 13.47 -12.64
C GLY B 33 -10.95 12.10 -13.16
N LEU B 34 -11.97 11.27 -13.39
CA LEU B 34 -11.81 9.89 -13.80
C LEU B 34 -12.40 9.77 -15.20
N TRP B 35 -11.57 9.38 -16.15
CA TRP B 35 -11.90 9.38 -17.59
C TRP B 35 -12.12 7.94 -18.00
N LEU B 36 -13.38 7.58 -18.24
CA LEU B 36 -13.77 6.23 -18.63
C LEU B 36 -14.66 6.32 -19.86
N ASP B 37 -14.30 5.62 -20.92
CA ASP B 37 -14.97 5.79 -22.20
C ASP B 37 -14.98 7.27 -22.53
N ASP B 38 -16.13 7.87 -22.88
CA ASP B 38 -16.17 9.29 -23.23
C ASP B 38 -16.77 10.16 -22.14
N VAL B 39 -16.58 9.79 -20.89
CA VAL B 39 -17.10 10.57 -19.78
C VAL B 39 -15.99 10.77 -18.76
N VAL B 40 -15.94 11.96 -18.19
CA VAL B 40 -15.07 12.29 -17.08
C VAL B 40 -15.95 12.55 -15.87
N TYR B 41 -15.63 11.87 -14.79
CA TYR B 41 -16.36 11.99 -13.53
C TYR B 41 -15.51 12.77 -12.52
N CYS B 42 -16.11 13.72 -11.81
CA CYS B 42 -15.32 14.47 -10.83
C CYS B 42 -16.26 15.05 -9.79
N PRO B 43 -15.73 15.55 -8.68
CA PRO B 43 -16.59 16.16 -7.67
C PRO B 43 -17.25 17.42 -8.21
N ARG B 44 -18.55 17.56 -7.93
CA ARG B 44 -19.27 18.73 -8.42
C ARG B 44 -18.77 20.03 -7.81
N HIS B 45 -18.10 20.01 -6.66
CA HIS B 45 -17.64 21.29 -6.11
C HIS B 45 -16.52 21.94 -6.90
N VAL B 46 -16.05 21.33 -7.99
CA VAL B 46 -15.13 22.04 -8.87
C VAL B 46 -15.78 23.31 -9.41
N ILE B 47 -17.12 23.38 -9.47
CA ILE B 47 -17.76 24.58 -10.02
C ILE B 47 -17.86 25.69 -8.99
N CYS B 48 -17.36 25.45 -7.80
CA CYS B 48 -17.57 26.45 -6.74
C CYS B 48 -16.36 27.36 -6.55
N THR B 49 -16.62 28.66 -6.46
CA THR B 49 -15.62 29.56 -5.90
C THR B 49 -15.51 29.28 -4.40
N SER B 50 -14.44 29.79 -3.78
CA SER B 50 -14.35 29.68 -2.33
C SER B 50 -15.56 30.30 -1.63
N GLU B 51 -16.19 31.31 -2.22
CA GLU B 51 -17.39 31.90 -1.61
C GLU B 51 -18.57 30.97 -1.72
N ASP B 52 -18.70 30.29 -2.87
CA ASP B 52 -19.80 29.37 -3.06
C ASP B 52 -19.68 28.20 -2.11
N MET B 53 -18.45 27.82 -1.73
CA MET B 53 -18.23 26.62 -0.94
C MET B 53 -18.87 26.73 0.44
N LEU B 54 -19.11 27.95 0.93
CA LEU B 54 -19.77 28.12 2.23
C LEU B 54 -21.20 27.57 2.23
N ASN B 55 -22.04 28.03 1.28
CA ASN B 55 -23.44 27.59 1.20
C ASN B 55 -23.83 27.48 -0.27
N PRO B 56 -23.21 26.55 -1.01
CA PRO B 56 -23.41 26.51 -2.46
C PRO B 56 -24.83 26.10 -2.82
N ASN B 57 -25.36 26.75 -3.85
CA ASN B 57 -26.57 26.29 -4.53
C ASN B 57 -26.09 25.65 -5.83
N TYR B 58 -25.94 24.31 -5.80
CA TYR B 58 -25.26 23.64 -6.91
C TYR B 58 -26.09 23.70 -8.18
N GLU B 59 -27.40 23.49 -8.07
CA GLU B 59 -28.26 23.59 -9.24
C GLU B 59 -28.15 24.97 -9.89
N ASP B 60 -28.18 26.02 -9.07
CA ASP B 60 -28.07 27.37 -9.63
C ASP B 60 -26.67 27.64 -10.18
N LEU B 61 -25.64 27.15 -9.49
CA LEU B 61 -24.29 27.35 -10.00
C LEU B 61 -24.11 26.64 -11.34
N LEU B 62 -24.73 25.47 -11.49
CA LEU B 62 -24.55 24.68 -12.70
C LEU B 62 -25.23 25.34 -13.89
N ILE B 63 -26.42 25.90 -13.67
CA ILE B 63 -27.14 26.61 -14.74
C ILE B 63 -26.26 27.68 -15.36
N ARG B 64 -25.44 28.34 -14.56
CA ARG B 64 -24.62 29.42 -15.09
C ARG B 64 -23.45 28.90 -15.90
N LYS B 65 -23.21 27.60 -15.90
CA LYS B 65 -22.04 27.01 -16.54
C LYS B 65 -22.40 26.47 -17.91
N SER B 66 -21.40 26.43 -18.78
CA SER B 66 -21.54 25.83 -20.11
C SER B 66 -20.37 24.88 -20.33
N ASN B 67 -20.48 24.07 -21.38
CA ASN B 67 -19.39 23.15 -21.70
C ASN B 67 -18.05 23.89 -21.77
N HIS B 68 -18.03 25.09 -22.36
CA HIS B 68 -16.78 25.79 -22.57
C HIS B 68 -16.19 26.39 -21.29
N ASN B 69 -16.80 26.23 -20.12
CA ASN B 69 -16.20 26.66 -18.87
C ASN B 69 -15.35 25.58 -18.21
N PHE B 70 -15.37 24.36 -18.73
CA PHE B 70 -14.65 23.26 -18.10
C PHE B 70 -13.38 22.99 -18.90
N LEU B 71 -12.23 23.04 -18.22
CA LEU B 71 -10.93 22.71 -18.78
C LEU B 71 -10.58 21.32 -18.29
N VAL B 72 -10.66 20.33 -19.16
CA VAL B 72 -10.28 18.95 -18.84
C VAL B 72 -8.95 18.67 -19.54
N GLN B 73 -7.98 18.16 -18.80
CA GLN B 73 -6.67 17.89 -19.38
C GLN B 73 -6.16 16.54 -18.95
N ALA B 74 -5.66 15.76 -19.90
CA ALA B 74 -4.83 14.59 -19.63
C ALA B 74 -3.39 15.04 -19.81
N GLY B 75 -2.68 15.18 -18.70
CA GLY B 75 -1.41 15.87 -18.77
C GLY B 75 -1.64 17.30 -19.21
N ASN B 76 -0.88 17.73 -20.22
CA ASN B 76 -0.99 19.05 -20.80
C ASN B 76 -2.01 19.11 -21.94
N VAL B 77 -2.62 18.00 -22.27
CA VAL B 77 -3.43 17.89 -23.48
C VAL B 77 -4.89 18.09 -23.12
N GLN B 78 -5.51 19.10 -23.72
CA GLN B 78 -6.91 19.38 -23.44
C GLN B 78 -7.82 18.37 -24.11
N LEU B 79 -8.84 17.96 -23.35
CA LEU B 79 -9.93 17.10 -23.79
C LEU B 79 -11.19 17.96 -23.92
N ARG B 80 -11.74 18.04 -25.12
CA ARG B 80 -12.87 18.92 -25.37
C ARG B 80 -14.13 18.37 -24.71
N VAL B 81 -14.81 19.21 -23.94
CA VAL B 81 -16.06 18.84 -23.29
C VAL B 81 -17.21 19.16 -24.23
N ILE B 82 -18.13 18.20 -24.39
CA ILE B 82 -19.26 18.31 -25.30
C ILE B 82 -20.61 18.15 -24.60
N GLY B 83 -20.61 17.99 -23.29
CA GLY B 83 -21.85 17.75 -22.57
C GLY B 83 -21.57 17.79 -21.08
N HIS B 84 -22.53 18.17 -20.25
CA HIS B 84 -22.30 18.03 -18.82
C HIS B 84 -23.61 17.75 -18.12
N SER B 85 -23.50 17.08 -16.97
CA SER B 85 -24.67 16.85 -16.15
C SER B 85 -24.19 16.58 -14.73
N MET B 86 -25.12 16.69 -13.79
CA MET B 86 -24.83 16.46 -12.39
C MET B 86 -25.63 15.26 -11.95
N GLN B 87 -24.98 14.34 -11.24
CA GLN B 87 -25.62 13.16 -10.66
C GLN B 87 -25.22 13.18 -9.21
N ASN B 88 -26.18 13.52 -8.33
CA ASN B 88 -25.91 13.66 -6.92
C ASN B 88 -24.72 14.59 -6.70
N CYS B 89 -23.63 14.15 -6.07
CA CYS B 89 -22.52 15.04 -5.84
C CYS B 89 -21.38 14.92 -6.87
N VAL B 90 -21.59 14.25 -7.98
CA VAL B 90 -20.55 14.19 -9.00
C VAL B 90 -21.04 14.89 -10.25
N LEU B 91 -20.08 15.50 -10.94
CA LEU B 91 -20.26 16.06 -12.26
C LEU B 91 -19.79 15.05 -13.29
N LYS B 92 -20.57 14.93 -14.35
CA LYS B 92 -20.24 14.07 -15.47
C LYS B 92 -20.04 14.96 -16.67
N LEU B 93 -18.83 14.90 -17.23
CA LEU B 93 -18.47 15.73 -18.37
C LEU B 93 -18.31 14.80 -19.56
N LYS B 94 -19.17 14.97 -20.57
CA LYS B 94 -19.04 14.19 -21.80
C LYS B 94 -17.92 14.83 -22.60
N VAL B 95 -16.98 14.02 -23.09
CA VAL B 95 -15.84 14.53 -23.85
C VAL B 95 -15.87 13.89 -25.24
N ASP B 96 -15.07 14.44 -26.16
CA ASP B 96 -15.17 14.01 -27.54
C ASP B 96 -14.22 12.88 -27.89
N THR B 97 -13.49 12.34 -26.92
CA THR B 97 -12.55 11.26 -27.13
C THR B 97 -12.81 10.16 -26.11
N ALA B 98 -12.97 8.94 -26.60
CA ALA B 98 -13.07 7.79 -25.70
C ALA B 98 -11.67 7.46 -25.19
N ASN B 99 -11.55 7.27 -23.88
CA ASN B 99 -10.23 6.98 -23.30
C ASN B 99 -9.72 5.65 -23.80
N PRO B 100 -8.63 5.61 -24.56
CA PRO B 100 -8.13 4.31 -25.05
C PRO B 100 -7.61 3.39 -23.96
N LYS B 101 -7.29 3.92 -22.78
CA LYS B 101 -6.85 3.08 -21.67
C LYS B 101 -7.99 2.68 -20.74
N THR B 102 -9.23 2.93 -21.12
CA THR B 102 -10.35 2.50 -20.29
C THR B 102 -10.24 1.00 -20.03
N PRO B 103 -10.20 0.57 -18.78
CA PRO B 103 -10.23 -0.85 -18.46
C PRO B 103 -11.65 -1.38 -18.42
N LYS B 104 -11.77 -2.71 -18.29
CA LYS B 104 -13.06 -3.25 -17.90
C LYS B 104 -13.35 -2.68 -16.51
N TYR B 105 -14.56 -2.16 -16.31
CA TYR B 105 -14.82 -1.51 -15.03
C TYR B 105 -16.28 -1.65 -14.62
N LYS B 106 -16.52 -1.42 -13.33
CA LYS B 106 -17.84 -1.19 -12.85
C LYS B 106 -17.77 -0.26 -11.64
N PHE B 107 -18.95 0.21 -11.26
CA PHE B 107 -19.13 1.15 -10.16
C PHE B 107 -19.83 0.39 -9.06
N VAL B 108 -19.22 0.34 -7.87
CA VAL B 108 -19.70 -0.45 -6.74
C VAL B 108 -19.84 0.47 -5.53
N ARG B 109 -20.88 0.25 -4.73
CA ARG B 109 -21.04 0.96 -3.46
C ARG B 109 -20.69 -0.01 -2.36
N ILE B 110 -19.66 0.29 -1.58
CA ILE B 110 -19.17 -0.67 -0.61
C ILE B 110 -19.84 -0.45 0.73
N GLN B 111 -19.65 -1.44 1.65
CA GLN B 111 -20.13 -1.36 3.01
C GLN B 111 -18.98 -1.05 3.94
N PRO B 112 -19.26 -0.49 5.11
CA PRO B 112 -18.21 -0.33 6.11
C PRO B 112 -17.50 -1.63 6.34
N GLY B 113 -16.19 -1.53 6.61
CA GLY B 113 -15.34 -2.67 6.73
C GLY B 113 -14.61 -3.06 5.47
N GLN B 114 -15.21 -2.83 4.32
CA GLN B 114 -14.55 -3.22 3.09
C GLN B 114 -13.35 -2.31 2.88
N THR B 115 -12.30 -2.89 2.32
CA THR B 115 -11.07 -2.20 2.05
C THR B 115 -10.99 -1.93 0.56
N PHE B 116 -10.19 -0.94 0.23
CA PHE B 116 -9.97 -0.59 -1.16
C PHE B 116 -8.66 0.16 -1.27
N SER B 117 -8.14 0.22 -2.47
CA SER B 117 -6.93 0.98 -2.75
C SER B 117 -7.29 2.38 -3.17
N VAL B 118 -6.53 3.34 -2.66
CA VAL B 118 -6.65 4.74 -3.04
C VAL B 118 -5.44 5.15 -3.87
N LEU B 119 -5.69 5.78 -5.00
CA LEU B 119 -4.63 6.31 -5.84
C LEU B 119 -4.67 7.83 -5.60
N ALA B 120 -3.86 8.32 -4.68
CA ALA B 120 -3.85 9.74 -4.38
C ALA B 120 -3.28 10.51 -5.56
N CYS B 121 -4.00 11.54 -6.03
CA CYS B 121 -3.60 12.28 -7.22
C CYS B 121 -3.67 13.80 -6.97
N TYR B 122 -2.83 14.52 -7.68
CA TYR B 122 -2.78 15.98 -7.65
C TYR B 122 -2.60 16.45 -9.08
N ASN B 123 -3.45 17.38 -9.53
CA ASN B 123 -3.39 17.92 -10.89
C ASN B 123 -3.37 16.80 -11.91
N GLY B 124 -4.13 15.75 -11.65
CA GLY B 124 -4.26 14.66 -12.57
C GLY B 124 -3.08 13.71 -12.55
N SER B 125 -2.12 13.90 -11.65
CA SER B 125 -0.86 13.14 -11.62
C SER B 125 -0.84 12.28 -10.38
N PRO B 126 -0.76 10.96 -10.53
CA PRO B 126 -0.73 10.09 -9.35
C PRO B 126 0.51 10.34 -8.50
N SER B 127 0.31 10.37 -7.18
CA SER B 127 1.40 10.53 -6.23
C SER B 127 1.69 9.27 -5.44
N GLY B 128 0.69 8.46 -5.09
CA GLY B 128 0.92 7.32 -4.22
C GLY B 128 -0.30 6.44 -4.17
N VAL B 129 -0.10 5.21 -3.75
CA VAL B 129 -1.20 4.27 -3.62
C VAL B 129 -1.14 3.58 -2.27
N TYR B 130 -2.30 3.41 -1.65
CA TYR B 130 -2.33 2.80 -0.33
C TYR B 130 -3.73 2.24 -0.08
N GLN B 131 -3.82 1.35 0.90
CA GLN B 131 -5.06 0.69 1.22
C GLN B 131 -5.78 1.39 2.37
N CYS B 132 -7.09 1.54 2.22
CA CYS B 132 -7.97 2.13 3.22
C CYS B 132 -9.09 1.15 3.56
N ALA B 133 -9.60 1.25 4.76
CA ALA B 133 -10.83 0.57 5.14
C ALA B 133 -11.92 1.62 5.37
N MET B 134 -13.11 1.34 4.86
CA MET B 134 -14.25 2.17 5.16
C MET B 134 -14.68 1.88 6.60
N ARG B 135 -14.59 2.89 7.46
CA ARG B 135 -14.95 2.75 8.87
C ARG B 135 -16.47 2.66 9.06
N PRO B 136 -16.93 2.08 10.17
CA PRO B 136 -18.37 2.04 10.43
C PRO B 136 -19.01 3.42 10.45
N ASN B 137 -18.26 4.47 10.76
CA ASN B 137 -18.81 5.82 10.73
C ASN B 137 -18.67 6.46 9.33
N PHE B 138 -18.34 5.65 8.32
CA PHE B 138 -18.33 6.09 6.91
C PHE B 138 -17.27 7.15 6.63
N THR B 139 -16.16 7.10 7.35
CA THR B 139 -14.94 7.83 7.07
C THR B 139 -13.81 6.86 6.76
N ILE B 140 -12.78 7.36 6.08
CA ILE B 140 -11.55 6.61 5.86
C ILE B 140 -10.39 7.41 6.41
N LYS B 141 -9.34 6.69 6.80
CA LYS B 141 -8.08 7.29 7.25
C LYS B 141 -7.16 7.40 6.05
N GLY B 142 -7.42 8.42 5.25
CA GLY B 142 -6.63 8.71 4.08
C GLY B 142 -5.41 9.55 4.40
N SER B 143 -4.69 9.87 3.32
CA SER B 143 -3.55 10.78 3.36
C SER B 143 -3.78 11.66 2.13
N PHE B 144 -4.46 12.77 2.36
CA PHE B 144 -4.98 13.64 1.31
C PHE B 144 -4.64 15.09 1.64
N LEU B 145 -4.03 15.78 0.68
CA LEU B 145 -3.70 17.19 0.76
C LEU B 145 -4.63 18.01 -0.13
N ASN B 146 -4.47 19.33 -0.08
CA ASN B 146 -5.18 20.17 -1.03
C ASN B 146 -4.92 19.69 -2.45
N GLY B 147 -5.99 19.71 -3.25
CA GLY B 147 -5.94 19.28 -4.62
C GLY B 147 -6.16 17.80 -4.82
N SER B 148 -6.40 17.04 -3.75
CA SER B 148 -6.58 15.61 -3.86
C SER B 148 -7.99 15.20 -4.28
N CYS B 149 -8.97 16.08 -4.15
CA CYS B 149 -10.34 15.70 -4.50
C CYS B 149 -10.44 15.15 -5.92
N GLY B 150 -11.29 14.15 -6.05
CA GLY B 150 -11.43 13.43 -7.28
C GLY B 150 -10.52 12.24 -7.40
N SER B 151 -9.53 12.09 -6.51
CA SER B 151 -8.85 10.82 -6.36
C SER B 151 -9.88 9.73 -6.06
N VAL B 152 -9.60 8.51 -6.56
CA VAL B 152 -10.57 7.43 -6.41
C VAL B 152 -10.01 6.26 -5.63
N GLY B 153 -10.94 5.51 -5.06
CA GLY B 153 -10.66 4.24 -4.42
C GLY B 153 -11.25 3.13 -5.26
N PHE B 154 -10.59 1.97 -5.27
CA PHE B 154 -10.96 0.89 -6.17
C PHE B 154 -10.46 -0.45 -5.64
N ASN B 155 -11.04 -1.51 -6.18
CA ASN B 155 -10.55 -2.88 -6.12
C ASN B 155 -10.46 -3.46 -7.52
N ILE B 156 -9.62 -4.47 -7.69
CA ILE B 156 -9.43 -5.11 -9.00
C ILE B 156 -9.71 -6.58 -8.85
N ASP B 157 -10.67 -7.08 -9.64
CA ASP B 157 -11.06 -8.49 -9.70
C ASP B 157 -10.75 -9.00 -11.10
N TYR B 158 -9.70 -9.83 -11.22
CA TYR B 158 -9.24 -10.29 -12.52
C TYR B 158 -8.77 -9.11 -13.34
N ASP B 159 -9.52 -8.75 -14.38
CA ASP B 159 -9.17 -7.61 -15.22
C ASP B 159 -10.05 -6.40 -14.95
N CYS B 160 -11.03 -6.54 -14.08
CA CYS B 160 -12.10 -5.55 -13.93
C CYS B 160 -11.82 -4.65 -12.73
N VAL B 161 -11.83 -3.36 -12.96
CA VAL B 161 -11.66 -2.38 -11.91
C VAL B 161 -13.03 -1.97 -11.37
N SER B 162 -13.26 -2.24 -10.08
CA SER B 162 -14.47 -1.80 -9.39
C SER B 162 -14.15 -0.50 -8.65
N PHE B 163 -14.68 0.61 -9.14
CA PHE B 163 -14.51 1.90 -8.51
C PHE B 163 -15.54 2.05 -7.40
N CYS B 164 -15.09 2.37 -6.19
CA CYS B 164 -16.01 2.48 -5.06
C CYS B 164 -15.94 3.80 -4.32
N TYR B 165 -14.99 4.67 -4.61
CA TYR B 165 -14.82 5.87 -3.80
C TYR B 165 -14.27 6.98 -4.67
N MET B 166 -14.75 8.19 -4.42
CA MET B 166 -14.18 9.40 -4.99
C MET B 166 -14.08 10.42 -3.86
N HIS B 167 -12.92 11.06 -3.75
CA HIS B 167 -12.61 11.85 -2.56
C HIS B 167 -13.17 13.26 -2.64
N HIS B 168 -13.82 13.71 -1.55
CA HIS B 168 -14.38 15.07 -1.53
C HIS B 168 -13.95 15.96 -0.37
N MET B 169 -13.60 15.43 0.80
CA MET B 169 -13.38 16.35 1.92
C MET B 169 -12.63 15.73 3.09
N GLU B 170 -12.11 16.62 3.93
CA GLU B 170 -11.45 16.24 5.18
C GLU B 170 -12.25 16.74 6.35
N LEU B 171 -12.25 15.97 7.42
CA LEU B 171 -13.04 16.35 8.58
C LEU B 171 -12.15 16.90 9.67
N PRO B 172 -12.75 17.63 10.65
CA PRO B 172 -11.95 18.19 11.75
C PRO B 172 -10.91 17.24 12.34
N THR B 173 -11.25 15.96 12.54
CA THR B 173 -10.33 15.03 13.18
C THR B 173 -9.27 14.47 12.21
N GLY B 174 -9.19 14.95 10.98
CA GLY B 174 -8.18 14.48 10.05
C GLY B 174 -8.58 13.31 9.20
N VAL B 175 -9.76 12.73 9.41
CA VAL B 175 -10.24 11.66 8.54
C VAL B 175 -10.98 12.26 7.35
N HIS B 176 -11.38 11.39 6.41
CA HIS B 176 -11.79 11.81 5.07
C HIS B 176 -13.14 11.21 4.73
N ALA B 177 -13.87 11.92 3.86
CA ALA B 177 -15.20 11.53 3.43
C ALA B 177 -15.35 11.79 1.94
N GLY B 178 -16.24 11.04 1.33
CA GLY B 178 -16.41 11.06 -0.11
C GLY B 178 -17.63 10.27 -0.51
N THR B 179 -17.74 10.06 -1.81
CA THR B 179 -18.92 9.49 -2.44
C THR B 179 -18.54 8.21 -3.17
N ASP B 180 -19.56 7.48 -3.61
CA ASP B 180 -19.34 6.45 -4.63
C ASP B 180 -19.26 7.18 -5.97
N LEU B 181 -19.18 6.43 -7.05
CA LEU B 181 -19.01 7.03 -8.37
C LEU B 181 -20.35 7.43 -8.99
N GLU B 182 -21.47 7.17 -8.30
CA GLU B 182 -22.73 7.80 -8.64
C GLU B 182 -22.98 9.07 -7.82
N GLY B 183 -22.01 9.51 -7.03
CA GLY B 183 -22.08 10.78 -6.34
C GLY B 183 -22.82 10.77 -5.02
N ASN B 184 -23.15 9.60 -4.50
CA ASN B 184 -23.83 9.48 -3.22
C ASN B 184 -22.81 9.37 -2.11
N PHE B 185 -22.83 10.31 -1.17
CA PHE B 185 -21.89 10.26 -0.07
C PHE B 185 -22.04 8.95 0.68
N TYR B 186 -20.89 8.49 1.19
CA TYR B 186 -20.84 7.53 2.29
C TYR B 186 -21.06 8.32 3.57
N GLY B 187 -22.05 7.93 4.33
CA GLY B 187 -22.27 8.56 5.62
C GLY B 187 -23.09 9.81 5.49
N PRO B 188 -23.24 10.54 6.59
CA PRO B 188 -24.18 11.65 6.61
C PRO B 188 -23.52 13.00 6.27
N PHE B 189 -22.62 12.99 5.32
CA PHE B 189 -21.85 14.19 4.98
C PHE B 189 -22.42 14.82 3.72
N VAL B 190 -22.13 16.11 3.59
CA VAL B 190 -22.58 16.95 2.48
C VAL B 190 -21.38 17.72 1.97
N ASP B 191 -21.38 18.04 0.66
CA ASP B 191 -20.24 18.76 0.09
C ASP B 191 -20.42 20.29 0.23
N ARG B 192 -20.28 20.75 1.48
CA ARG B 192 -20.33 22.16 1.87
C ARG B 192 -19.20 22.46 2.86
N GLN B 193 -18.57 23.62 2.70
CA GLN B 193 -17.44 24.02 3.54
C GLN B 193 -17.98 24.51 4.89
N THR B 194 -18.68 23.60 5.56
CA THR B 194 -19.35 23.83 6.83
C THR B 194 -18.78 22.86 7.87
N ALA B 195 -18.91 23.21 9.14
CA ALA B 195 -18.39 22.34 10.20
C ALA B 195 -19.19 21.04 10.22
N GLN B 196 -18.50 19.92 10.06
CA GLN B 196 -19.13 18.61 10.13
C GLN B 196 -18.21 17.73 10.96
N ALA B 197 -18.77 16.63 11.46
CA ALA B 197 -18.09 15.81 12.44
C ALA B 197 -18.35 14.34 12.19
N ALA B 198 -17.29 13.55 12.29
CA ALA B 198 -17.42 12.10 12.20
C ALA B 198 -18.10 11.57 13.46
N GLY B 199 -19.08 10.68 13.27
CA GLY B 199 -19.66 9.92 14.37
C GLY B 199 -18.61 9.18 15.17
N THR B 200 -18.97 8.73 16.36
CA THR B 200 -18.04 7.91 17.13
C THR B 200 -17.81 6.60 16.39
N ASP B 201 -16.55 6.24 16.24
CA ASP B 201 -16.27 5.06 15.45
C ASP B 201 -16.34 3.81 16.32
N THR B 202 -16.45 2.68 15.64
CA THR B 202 -16.54 1.38 16.28
C THR B 202 -15.57 0.43 15.58
N THR B 203 -15.35 -0.72 16.19
CA THR B 203 -14.44 -1.71 15.68
C THR B 203 -15.13 -2.63 14.69
N ILE B 204 -14.43 -2.93 13.59
CA ILE B 204 -15.02 -3.72 12.50
C ILE B 204 -14.91 -5.20 12.82
N THR B 205 -15.98 -5.73 13.41
CA THR B 205 -15.99 -7.08 13.96
C THR B 205 -15.68 -8.11 12.90
N VAL B 206 -16.26 -7.97 11.71
CA VAL B 206 -16.05 -9.00 10.69
C VAL B 206 -14.57 -9.11 10.33
N ASN B 207 -13.87 -7.97 10.30
CA ASN B 207 -12.44 -7.99 10.00
C ASN B 207 -11.62 -8.53 11.17
N VAL B 208 -12.02 -8.26 12.41
CA VAL B 208 -11.32 -8.90 13.52
C VAL B 208 -11.45 -10.41 13.42
N LEU B 209 -12.66 -10.90 13.11
CA LEU B 209 -12.81 -12.34 12.94
C LEU B 209 -11.93 -12.86 11.81
N ALA B 210 -11.82 -12.12 10.70
CA ALA B 210 -10.91 -12.54 9.62
C ALA B 210 -9.49 -12.64 10.13
N TRP B 211 -9.10 -11.68 10.97
CA TRP B 211 -7.77 -11.68 11.59
C TRP B 211 -7.56 -12.91 12.46
N LEU B 212 -8.56 -13.27 13.26
CA LEU B 212 -8.40 -14.48 14.09
C LEU B 212 -8.29 -15.74 13.22
N TYR B 213 -9.03 -15.78 12.11
CA TYR B 213 -8.91 -16.90 11.17
C TYR B 213 -7.51 -16.94 10.59
N ALA B 214 -6.98 -15.77 10.20
CA ALA B 214 -5.60 -15.67 9.76
C ALA B 214 -4.65 -16.22 10.80
N ALA B 215 -4.83 -15.86 12.07
CA ALA B 215 -3.94 -16.37 13.11
C ALA B 215 -3.99 -17.90 13.16
N VAL B 216 -5.18 -18.47 13.03
CA VAL B 216 -5.34 -19.92 13.10
C VAL B 216 -4.63 -20.56 11.93
N ILE B 217 -4.79 -19.97 10.74
CA ILE B 217 -4.15 -20.50 9.55
C ILE B 217 -2.66 -20.60 9.78
N ASN B 218 -2.10 -19.67 10.54
CA ASN B 218 -0.66 -19.61 10.81
C ASN B 218 -0.27 -20.36 12.08
N GLY B 219 -1.18 -21.14 12.64
CA GLY B 219 -0.86 -21.99 13.78
C GLY B 219 -0.92 -21.32 15.14
N ASP B 220 -1.51 -20.14 15.21
CA ASP B 220 -1.65 -19.37 16.45
C ASP B 220 -3.11 -19.47 16.86
N ARG B 221 -3.41 -20.42 17.75
CA ARG B 221 -4.81 -20.75 18.04
C ARG B 221 -5.11 -20.96 19.51
N TRP B 222 -4.32 -20.39 20.42
CA TRP B 222 -4.59 -20.53 21.85
C TRP B 222 -5.98 -20.05 22.25
N PHE B 223 -6.57 -19.12 21.50
CA PHE B 223 -7.80 -18.44 21.87
C PHE B 223 -9.05 -19.19 21.47
N LEU B 224 -8.93 -20.29 20.74
CA LEU B 224 -10.07 -21.10 20.38
C LEU B 224 -10.61 -21.79 21.63
N ASN B 225 -11.88 -21.55 21.95
CA ASN B 225 -12.53 -22.20 23.08
C ASN B 225 -13.51 -23.25 22.58
N ARG B 226 -14.10 -24.00 23.51
CA ARG B 226 -14.95 -25.15 23.18
C ARG B 226 -16.41 -24.75 22.97
N PHE B 227 -16.74 -23.47 23.02
CA PHE B 227 -18.11 -23.02 23.09
C PHE B 227 -18.53 -22.31 21.81
N THR B 228 -19.82 -22.04 21.73
CA THR B 228 -20.41 -21.35 20.60
C THR B 228 -21.43 -20.37 21.15
N THR B 229 -22.09 -19.66 20.27
CA THR B 229 -23.01 -18.61 20.64
C THR B 229 -23.99 -18.46 19.50
N THR B 230 -25.09 -17.77 19.77
CA THR B 230 -25.93 -17.37 18.65
C THR B 230 -25.45 -16.03 18.13
N LEU B 231 -25.88 -15.71 16.92
CA LEU B 231 -25.49 -14.44 16.33
C LEU B 231 -26.07 -13.28 17.13
N ASN B 232 -27.34 -13.39 17.54
CA ASN B 232 -27.93 -12.33 18.36
C ASN B 232 -27.22 -12.16 19.70
N ASP B 233 -26.98 -13.24 20.45
CA ASP B 233 -26.25 -13.07 21.71
C ASP B 233 -24.90 -12.41 21.48
N PHE B 234 -24.19 -12.82 20.42
CA PHE B 234 -22.88 -12.22 20.17
C PHE B 234 -23.02 -10.74 19.84
N ASN B 235 -24.00 -10.39 19.00
CA ASN B 235 -24.13 -8.99 18.62
C ASN B 235 -24.41 -8.11 19.84
N LEU B 236 -25.25 -8.60 20.76
CA LEU B 236 -25.59 -7.78 21.92
C LEU B 236 -24.38 -7.58 22.83
N VAL B 237 -23.56 -8.62 23.00
CA VAL B 237 -22.34 -8.45 23.78
C VAL B 237 -21.37 -7.53 23.05
N ALA B 238 -21.21 -7.71 21.74
CA ALA B 238 -20.18 -6.96 21.00
C ALA B 238 -20.42 -5.47 21.10
N MET B 239 -21.67 -5.05 21.01
CA MET B 239 -21.96 -3.63 21.07
C MET B 239 -21.55 -3.04 22.40
N LYS B 240 -21.53 -3.84 23.46
CA LYS B 240 -21.08 -3.32 24.75
C LYS B 240 -19.58 -3.04 24.76
N TYR B 241 -18.83 -3.58 23.79
CA TYR B 241 -17.40 -3.30 23.70
C TYR B 241 -17.06 -2.40 22.52
N ASN B 242 -18.05 -1.74 21.94
CA ASN B 242 -17.88 -0.82 20.84
C ASN B 242 -17.45 -1.53 19.57
N TYR B 243 -17.84 -2.80 19.49
CA TYR B 243 -17.70 -3.57 18.27
C TYR B 243 -19.01 -3.50 17.49
N GLU B 244 -18.89 -3.53 16.17
CA GLU B 244 -20.06 -3.57 15.30
C GLU B 244 -20.80 -4.90 15.42
N PRO B 245 -22.13 -4.90 15.32
CA PRO B 245 -22.86 -6.16 15.17
C PRO B 245 -22.59 -6.75 13.79
N LEU B 246 -22.66 -8.08 13.73
CA LEU B 246 -22.51 -8.78 12.47
C LEU B 246 -23.83 -8.84 11.71
N THR B 247 -23.72 -8.76 10.38
CA THR B 247 -24.84 -8.97 9.47
C THR B 247 -24.77 -10.40 8.92
N GLN B 248 -25.87 -10.83 8.29
CA GLN B 248 -25.83 -12.09 7.57
C GLN B 248 -24.76 -12.06 6.49
N ASP B 249 -24.57 -10.91 5.83
CA ASP B 249 -23.55 -10.81 4.78
C ASP B 249 -22.15 -11.03 5.35
N HIS B 250 -21.90 -10.51 6.55
CA HIS B 250 -20.64 -10.74 7.24
C HIS B 250 -20.40 -12.21 7.50
N VAL B 251 -21.42 -12.89 8.01
CA VAL B 251 -21.30 -14.31 8.24
C VAL B 251 -20.94 -15.00 6.95
N ASP B 252 -21.60 -14.61 5.85
CA ASP B 252 -21.34 -15.25 4.56
C ASP B 252 -19.93 -15.00 4.06
N ILE B 253 -19.43 -13.76 4.18
CA ILE B 253 -18.09 -13.51 3.62
C ILE B 253 -17.00 -14.16 4.46
N LEU B 254 -17.29 -14.60 5.69
CA LEU B 254 -16.36 -15.42 6.48
C LEU B 254 -16.44 -16.89 6.11
N GLY B 255 -17.35 -17.27 5.21
CA GLY B 255 -17.54 -18.66 4.81
C GLY B 255 -16.24 -19.33 4.37
N PRO B 256 -15.53 -18.73 3.42
CA PRO B 256 -14.32 -19.40 2.92
C PRO B 256 -13.28 -19.62 3.99
N LEU B 257 -13.07 -18.67 4.90
CA LEU B 257 -12.08 -18.84 5.97
C LEU B 257 -12.57 -19.86 6.99
N SER B 258 -13.88 -19.87 7.26
CA SER B 258 -14.46 -20.91 8.10
C SER B 258 -14.22 -22.29 7.51
N ALA B 259 -14.42 -22.42 6.20
CA ALA B 259 -14.23 -23.72 5.54
C ALA B 259 -12.77 -24.12 5.52
N GLN B 260 -11.88 -23.15 5.31
CA GLN B 260 -10.44 -23.42 5.24
C GLN B 260 -9.92 -23.93 6.57
N THR B 261 -10.46 -23.42 7.68
CA THR B 261 -10.00 -23.79 9.02
C THR B 261 -10.87 -24.83 9.71
N GLY B 262 -12.10 -25.03 9.25
CA GLY B 262 -13.00 -25.92 9.92
C GLY B 262 -13.62 -25.35 11.17
N ILE B 263 -13.46 -24.06 11.40
CA ILE B 263 -13.97 -23.39 12.58
C ILE B 263 -15.21 -22.61 12.17
N ALA B 264 -16.38 -23.07 12.60
CA ALA B 264 -17.63 -22.40 12.31
C ALA B 264 -17.55 -20.93 12.75
N VAL B 265 -18.22 -20.08 11.97
CA VAL B 265 -18.22 -18.66 12.27
C VAL B 265 -18.70 -18.39 13.70
N LEU B 266 -19.79 -19.02 14.14
CA LEU B 266 -20.32 -18.74 15.48
C LEU B 266 -19.41 -19.28 16.58
N ASP B 267 -18.65 -20.36 16.33
CA ASP B 267 -17.61 -20.74 17.29
C ASP B 267 -16.52 -19.69 17.38
N MET B 268 -16.08 -19.12 16.24
CA MET B 268 -15.08 -18.06 16.33
C MET B 268 -15.64 -16.86 17.07
N CYS B 269 -16.92 -16.56 16.86
CA CYS B 269 -17.54 -15.46 17.60
C CYS B 269 -17.46 -15.70 19.12
N ALA B 270 -17.73 -16.93 19.55
CA ALA B 270 -17.61 -17.24 20.98
C ALA B 270 -16.17 -17.06 21.46
N SER B 271 -15.18 -17.41 20.64
CA SER B 271 -13.80 -17.15 21.05
C SER B 271 -13.53 -15.65 21.15
N LEU B 272 -14.04 -14.88 20.20
CA LEU B 272 -13.81 -13.44 20.27
C LEU B 272 -14.52 -12.87 21.48
N LYS B 273 -15.73 -13.35 21.73
CA LYS B 273 -16.47 -12.86 22.90
C LYS B 273 -15.66 -13.06 24.16
N GLU B 274 -15.00 -14.22 24.30
CA GLU B 274 -14.18 -14.45 25.49
C GLU B 274 -12.99 -13.50 25.52
N LEU B 275 -12.38 -13.21 24.37
CA LEU B 275 -11.29 -12.24 24.37
C LEU B 275 -11.80 -10.87 24.80
N LEU B 276 -12.99 -10.49 24.35
CA LEU B 276 -13.53 -9.20 24.74
C LEU B 276 -13.75 -9.14 26.24
N GLN B 277 -14.39 -10.17 26.78
CA GLN B 277 -14.83 -10.20 28.17
C GLN B 277 -13.67 -10.46 29.14
N ASN B 278 -12.64 -11.20 28.72
CA ASN B 278 -11.53 -11.55 29.60
C ASN B 278 -10.22 -10.89 29.23
N GLY B 279 -10.15 -10.21 28.10
CA GLY B 279 -8.89 -9.67 27.62
C GLY B 279 -7.93 -10.76 27.19
N MET B 280 -6.77 -10.31 26.71
CA MET B 280 -5.71 -11.19 26.26
C MET B 280 -4.95 -11.85 27.40
N ASN B 281 -5.10 -11.35 28.64
CA ASN B 281 -4.40 -11.91 29.79
C ASN B 281 -2.89 -12.01 29.51
N GLY B 282 -2.36 -11.01 28.83
CA GLY B 282 -0.93 -10.91 28.58
C GLY B 282 -0.43 -11.59 27.32
N ARG B 283 -1.28 -12.29 26.58
CA ARG B 283 -0.85 -13.04 25.41
C ARG B 283 -0.90 -12.16 24.16
N THR B 284 -0.33 -12.68 23.08
CA THR B 284 -0.38 -12.03 21.78
C THR B 284 -1.04 -12.95 20.75
N ILE B 285 -1.51 -12.32 19.68
CA ILE B 285 -2.07 -13.03 18.53
C ILE B 285 -1.37 -12.48 17.32
N LEU B 286 -0.78 -13.37 16.52
CA LEU B 286 0.04 -12.96 15.38
C LEU B 286 1.07 -11.92 15.80
N GLY B 287 1.55 -12.04 17.05
CA GLY B 287 2.62 -11.18 17.53
C GLY B 287 2.17 -9.89 18.19
N SER B 288 0.87 -9.69 18.37
CA SER B 288 0.39 -8.43 18.92
C SER B 288 -0.65 -8.66 20.01
N ALA B 289 -0.69 -7.73 20.97
CA ALA B 289 -1.76 -7.69 21.94
C ALA B 289 -2.98 -6.94 21.43
N LEU B 290 -2.84 -6.26 20.30
CA LEU B 290 -3.95 -5.54 19.69
C LEU B 290 -4.54 -6.35 18.56
N LEU B 291 -5.86 -6.38 18.50
CA LEU B 291 -6.58 -7.01 17.41
C LEU B 291 -6.72 -6.08 16.22
N GLU B 292 -6.49 -6.60 15.03
CA GLU B 292 -6.50 -5.79 13.82
C GLU B 292 -7.89 -5.84 13.19
N ASP B 293 -8.40 -4.67 12.73
CA ASP B 293 -9.72 -4.64 12.11
C ASP B 293 -9.74 -4.02 10.71
N GLU B 294 -8.61 -3.93 10.02
CA GLU B 294 -8.59 -3.35 8.67
C GLU B 294 -8.15 -4.34 7.59
N PHE B 295 -8.18 -5.64 7.89
CA PHE B 295 -8.04 -6.71 6.90
C PHE B 295 -9.37 -7.45 6.75
N THR B 296 -9.95 -7.38 5.56
CA THR B 296 -11.16 -8.13 5.28
C THR B 296 -10.85 -9.61 5.11
N PRO B 297 -11.89 -10.43 5.11
CA PRO B 297 -11.68 -11.85 4.79
C PRO B 297 -10.97 -12.05 3.46
N PHE B 298 -11.29 -11.24 2.44
CA PHE B 298 -10.60 -11.34 1.15
C PHE B 298 -9.13 -10.97 1.25
N ASP B 299 -8.82 -9.90 2.00
CA ASP B 299 -7.43 -9.51 2.22
C ASP B 299 -6.64 -10.65 2.84
N VAL B 300 -7.26 -11.35 3.79
CA VAL B 300 -6.55 -12.44 4.45
C VAL B 300 -6.27 -13.56 3.48
N VAL B 301 -7.28 -13.99 2.71
CA VAL B 301 -7.06 -15.08 1.78
C VAL B 301 -5.99 -14.70 0.76
N ARG B 302 -6.03 -13.47 0.26
CA ARG B 302 -5.05 -13.00 -0.72
C ARG B 302 -3.61 -13.13 -0.18
N GLN B 303 -3.38 -12.78 1.08
CA GLN B 303 -2.02 -12.83 1.62
C GLN B 303 -1.63 -14.18 2.23
N CYS B 304 -2.60 -15.04 2.54
CA CYS B 304 -2.25 -16.35 3.07
C CYS B 304 -2.07 -17.35 1.94
N SER B 305 -2.74 -17.12 0.82
CA SER B 305 -2.72 -18.03 -0.32
C SER B 305 -2.23 -17.36 -1.60
#